data_8VFR
#
_entry.id   8VFR
#
_cell.length_a   44.213
_cell.length_b   51.268
_cell.length_c   78.417
_cell.angle_alpha   90.00
_cell.angle_beta   92.94
_cell.angle_gamma   90.00
#
_symmetry.space_group_name_H-M   'P 1 21 1'
#
loop_
_entity.id
_entity.type
_entity.pdbx_description
1 polymer 'Cytochrome P450'
2 non-polymer 'PROTOPORPHYRIN IX CONTAINING FE'
3 non-polymer '4-METHYLBENZOIC ACID'
4 non-polymer '4-(hydroxymethyl)benzoic acid'
5 non-polymer 'CHLORIDE ION'
6 water water
#
_entity_poly.entity_id   1
_entity_poly.type   'polypeptide(L)'
_entity_poly.pdbx_seq_one_letter_code
;MISNSSAESISAPPNDSTIPHLAIDPFSLDFFDDPYPDQQTLRDAGPVVYLDKWNVYGVARYAEVHAVLNDPTTFCSSRG
VGLSDFKKEKPWRPPSLILEADPPAHTRPRAVLSKVLSPATMKTIRDGFAAAADAKVDELLQRGCIDAIADLAEAYPLSV
FPDAMGLKQEGREHLLPYAGLVFNAFGPPNELRQTAIERSAPHQAYVNEQCQRPNLAPGGFGACIHAFTDTGEITPDEAP
LLVRSLLSGALQETVNGIGAAVYCLARFPGELQRLRSDPTLARNAFEEAVRFESPVQTFFRTTTREVELGGAVIGEGEKV
LMFLGSANRDPRRWSDPDLYDITRKTSGHVGFGSGVHMCVGQLVARLEGEVMLSALARKVAAIDIDGPVKRRFNNTLRGL
ESLPVKLTPA
;
_entity_poly.pdbx_strand_id   A
#
# COMPACT_ATOMS: atom_id res chain seq x y z
N THR A 18 3.60 -7.72 -32.78
CA THR A 18 4.81 -7.89 -31.98
C THR A 18 4.46 -8.02 -30.49
N ILE A 19 3.48 -7.26 -30.06
CA ILE A 19 3.04 -7.28 -28.66
C ILE A 19 1.99 -8.37 -28.49
N PRO A 20 2.16 -9.30 -27.55
CA PRO A 20 1.13 -10.31 -27.32
C PRO A 20 -0.13 -9.68 -26.72
N HIS A 21 -1.28 -10.10 -27.23
CA HIS A 21 -2.58 -9.63 -26.77
C HIS A 21 -3.19 -10.70 -25.88
N LEU A 22 -3.46 -10.35 -24.63
CA LEU A 22 -3.99 -11.29 -23.65
C LEU A 22 -5.38 -10.86 -23.21
N ALA A 23 -6.22 -11.86 -22.91
CA ALA A 23 -7.59 -11.62 -22.45
C ALA A 23 -7.71 -11.73 -20.94
N ILE A 24 -6.59 -11.78 -20.21
CA ILE A 24 -6.65 -11.85 -18.76
C ILE A 24 -7.18 -10.54 -18.21
N ASP A 25 -8.18 -10.62 -17.33
CA ASP A 25 -8.69 -9.46 -16.62
C ASP A 25 -8.03 -9.43 -15.24
N PRO A 26 -7.02 -8.59 -15.03
CA PRO A 26 -6.34 -8.58 -13.72
C PRO A 26 -7.16 -7.91 -12.63
N PHE A 27 -8.40 -7.54 -12.97
CA PHE A 27 -9.31 -6.93 -12.01
C PHE A 27 -10.57 -7.76 -11.79
N SER A 28 -10.53 -9.04 -12.14
CA SER A 28 -11.65 -9.94 -11.92
C SER A 28 -11.48 -10.67 -10.59
N LEU A 29 -12.61 -11.16 -10.06
CA LEU A 29 -12.58 -11.91 -8.81
C LEU A 29 -11.76 -13.18 -8.95
N ASP A 30 -11.83 -13.81 -10.13
N ASP A 30 -11.82 -13.83 -10.12
CA ASP A 30 -11.03 -15.01 -10.37
CA ASP A 30 -11.03 -15.02 -10.33
C ASP A 30 -9.54 -14.72 -10.33
C ASP A 30 -9.53 -14.71 -10.31
N PHE A 31 -9.15 -13.53 -10.77
CA PHE A 31 -7.74 -13.13 -10.72
C PHE A 31 -7.32 -12.82 -9.29
N PHE A 32 -8.12 -12.03 -8.57
CA PHE A 32 -7.80 -11.70 -7.18
C PHE A 32 -7.72 -12.95 -6.32
N ASP A 33 -8.53 -13.96 -6.62
CA ASP A 33 -8.54 -15.18 -5.80
C ASP A 33 -7.21 -15.90 -5.87
N ASP A 34 -6.60 -15.96 -7.06
CA ASP A 34 -5.29 -16.59 -7.23
C ASP A 34 -4.60 -15.91 -8.40
N PRO A 35 -3.86 -14.84 -8.15
CA PRO A 35 -3.26 -14.06 -9.25
C PRO A 35 -1.95 -14.62 -9.76
N TYR A 36 -1.30 -15.52 -9.04
CA TYR A 36 0.07 -15.90 -9.33
C TYR A 36 0.24 -16.74 -10.60
N PRO A 37 -0.65 -17.70 -10.89
CA PRO A 37 -0.55 -18.38 -12.20
C PRO A 37 -0.73 -17.42 -13.36
N ASP A 38 -1.70 -16.51 -13.29
CA ASP A 38 -1.89 -15.55 -14.36
C ASP A 38 -0.75 -14.54 -14.43
N GLN A 39 -0.13 -14.22 -13.28
CA GLN A 39 0.99 -13.28 -13.29
C GLN A 39 2.22 -13.86 -13.98
N GLN A 40 2.44 -15.18 -13.88
CA GLN A 40 3.49 -15.80 -14.66
C GLN A 40 3.17 -15.75 -16.15
N THR A 41 1.91 -16.01 -16.52
CA THR A 41 1.51 -15.90 -17.91
C THR A 41 1.77 -14.49 -18.45
N LEU A 42 1.52 -13.47 -17.62
CA LEU A 42 1.80 -12.10 -18.06
C LEU A 42 3.29 -11.85 -18.22
N ARG A 43 4.09 -12.37 -17.29
CA ARG A 43 5.54 -12.20 -17.39
C ARG A 43 6.12 -12.95 -18.58
N ASP A 44 5.73 -14.22 -18.75
CA ASP A 44 6.34 -15.05 -19.77
C ASP A 44 5.83 -14.72 -21.17
N ALA A 45 4.68 -14.06 -21.29
CA ALA A 45 4.18 -13.70 -22.61
C ALA A 45 5.10 -12.69 -23.29
N GLY A 46 5.82 -11.89 -22.52
CA GLY A 46 6.71 -10.91 -23.06
C GLY A 46 6.95 -9.75 -22.10
N PRO A 47 7.95 -8.92 -22.41
CA PRO A 47 8.21 -7.76 -21.54
C PRO A 47 7.10 -6.72 -21.56
N VAL A 48 6.34 -6.62 -22.65
CA VAL A 48 5.21 -5.71 -22.76
C VAL A 48 4.06 -6.47 -23.38
N VAL A 49 2.92 -6.49 -22.68
CA VAL A 49 1.72 -7.15 -23.17
C VAL A 49 0.62 -6.09 -23.32
N TYR A 50 -0.38 -6.44 -24.12
CA TYR A 50 -1.58 -5.63 -24.29
C TYR A 50 -2.77 -6.37 -23.73
N LEU A 51 -3.54 -5.70 -22.88
CA LEU A 51 -4.70 -6.30 -22.23
C LEU A 51 -5.95 -5.87 -22.99
N ASP A 52 -6.48 -6.78 -23.81
CA ASP A 52 -7.63 -6.48 -24.65
C ASP A 52 -8.86 -6.12 -23.82
N LYS A 53 -8.96 -6.63 -22.59
CA LYS A 53 -10.15 -6.42 -21.78
C LYS A 53 -10.35 -4.94 -21.45
N TRP A 54 -9.25 -4.22 -21.23
CA TRP A 54 -9.33 -2.82 -20.84
C TRP A 54 -8.55 -1.88 -21.75
N ASN A 55 -7.95 -2.39 -22.82
CA ASN A 55 -7.23 -1.58 -23.80
C ASN A 55 -6.10 -0.79 -23.13
N VAL A 56 -5.23 -1.50 -22.41
CA VAL A 56 -4.06 -0.91 -21.77
C VAL A 56 -2.86 -1.80 -22.00
N TYR A 57 -1.68 -1.21 -21.98
CA TYR A 57 -0.45 -1.98 -21.98
C TYR A 57 -0.15 -2.49 -20.58
N GLY A 58 0.54 -3.61 -20.51
CA GLY A 58 0.87 -4.23 -19.24
C GLY A 58 2.31 -4.66 -19.18
N VAL A 59 2.93 -4.41 -18.03
CA VAL A 59 4.28 -4.88 -17.74
C VAL A 59 4.25 -5.62 -16.40
N ALA A 60 4.77 -6.85 -16.38
CA ALA A 60 4.74 -7.68 -15.20
C ALA A 60 6.11 -8.14 -14.73
N ARG A 61 7.15 -7.95 -15.53
CA ARG A 61 8.50 -8.31 -15.10
C ARG A 61 9.10 -7.19 -14.26
N TYR A 62 10.05 -7.55 -13.42
CA TYR A 62 10.70 -6.56 -12.55
C TYR A 62 11.41 -5.49 -13.37
N ALA A 63 12.10 -5.89 -14.43
CA ALA A 63 12.92 -4.95 -15.20
C ALA A 63 12.07 -3.85 -15.81
N GLU A 64 10.97 -4.21 -16.46
CA GLU A 64 10.14 -3.20 -17.12
C GLU A 64 9.35 -2.38 -16.10
N VAL A 65 8.87 -3.02 -15.04
CA VAL A 65 8.15 -2.28 -14.00
C VAL A 65 9.07 -1.27 -13.34
N HIS A 66 10.29 -1.68 -13.02
CA HIS A 66 11.27 -0.74 -12.45
C HIS A 66 11.61 0.37 -13.43
N ALA A 67 11.64 0.06 -14.72
CA ALA A 67 11.94 1.08 -15.73
C ALA A 67 10.84 2.12 -15.80
N VAL A 68 9.57 1.67 -15.83
CA VAL A 68 8.45 2.61 -15.91
C VAL A 68 8.39 3.48 -14.67
N LEU A 69 8.65 2.89 -13.49
CA LEU A 69 8.58 3.66 -12.25
C LEU A 69 9.65 4.73 -12.19
N ASN A 70 10.80 4.52 -12.83
CA ASN A 70 11.92 5.45 -12.77
C ASN A 70 12.02 6.35 -13.99
N ASP A 71 10.95 6.43 -14.79
CA ASP A 71 10.87 7.34 -15.93
C ASP A 71 9.58 8.13 -15.81
N PRO A 72 9.50 9.05 -14.86
CA PRO A 72 8.25 9.83 -14.69
C PRO A 72 8.02 10.85 -15.78
N THR A 73 9.05 11.22 -16.54
CA THR A 73 8.86 12.14 -17.66
C THR A 73 8.04 11.49 -18.77
N THR A 74 8.35 10.23 -19.10
CA THR A 74 7.65 9.52 -20.15
C THR A 74 6.39 8.84 -19.63
N PHE A 75 6.44 8.22 -18.46
CA PHE A 75 5.31 7.52 -17.86
C PHE A 75 4.82 8.35 -16.68
N CYS A 76 3.98 9.35 -16.99
CA CYS A 76 3.57 10.34 -16.01
C CYS A 76 2.47 9.80 -15.11
N SER A 77 2.22 10.53 -14.02
CA SER A 77 1.16 10.21 -13.09
C SER A 77 0.07 11.27 -13.00
N SER A 78 0.28 12.45 -13.61
CA SER A 78 -0.70 13.53 -13.51
C SER A 78 -1.96 13.24 -14.30
N ARG A 79 -1.92 12.33 -15.28
CA ARG A 79 -3.10 11.90 -15.99
C ARG A 79 -3.79 10.73 -15.30
N GLY A 80 -3.51 10.51 -14.02
CA GLY A 80 -4.13 9.45 -13.25
C GLY A 80 -3.26 8.22 -13.12
N VAL A 81 -3.18 7.66 -11.90
CA VAL A 81 -2.51 6.39 -11.68
C VAL A 81 -3.49 5.23 -11.67
N GLY A 82 -4.77 5.49 -11.97
CA GLY A 82 -5.74 4.45 -12.22
C GLY A 82 -5.97 4.25 -13.71
N LEU A 83 -7.00 3.46 -14.02
CA LEU A 83 -7.34 3.24 -15.42
C LEU A 83 -7.79 4.53 -16.08
N SER A 84 -8.55 5.36 -15.36
CA SER A 84 -9.12 6.56 -15.94
C SER A 84 -8.02 7.55 -16.35
N ASP A 85 -8.17 8.09 -17.56
CA ASP A 85 -7.28 9.13 -18.06
C ASP A 85 -7.90 10.48 -17.71
N PHE A 86 -7.23 11.25 -16.85
CA PHE A 86 -7.79 12.53 -16.41
C PHE A 86 -7.93 13.51 -17.56
N LYS A 87 -7.10 13.36 -18.60
CA LYS A 87 -7.26 14.18 -19.80
C LYS A 87 -8.53 13.85 -20.56
N LYS A 88 -9.14 12.70 -20.30
CA LYS A 88 -10.35 12.27 -20.99
C LYS A 88 -11.58 12.22 -20.09
N GLU A 89 -11.42 11.83 -18.84
CA GLU A 89 -12.55 11.69 -17.92
C GLU A 89 -12.34 12.59 -16.71
N LYS A 90 -13.46 12.91 -16.06
CA LYS A 90 -13.41 13.67 -14.82
C LYS A 90 -12.99 12.76 -13.67
N PRO A 91 -11.97 13.15 -12.90
CA PRO A 91 -11.62 12.35 -11.72
C PRO A 91 -12.77 12.34 -10.73
N TRP A 92 -12.98 11.19 -10.09
CA TRP A 92 -14.07 11.07 -9.13
C TRP A 92 -13.86 11.95 -7.91
N ARG A 93 -12.63 12.41 -7.68
CA ARG A 93 -12.32 13.34 -6.60
C ARG A 93 -11.20 14.25 -7.09
N PRO A 94 -11.01 15.40 -6.45
CA PRO A 94 -9.90 16.28 -6.83
C PRO A 94 -8.58 15.53 -6.81
N PRO A 95 -7.76 15.70 -7.85
CA PRO A 95 -6.54 14.89 -7.96
C PRO A 95 -5.59 15.11 -6.80
N SER A 96 -4.90 14.05 -6.42
CA SER A 96 -3.91 14.13 -5.36
C SER A 96 -2.77 15.06 -5.77
N LEU A 97 -2.35 15.93 -4.86
CA LEU A 97 -1.30 16.88 -5.15
C LEU A 97 0.07 16.23 -5.23
N ILE A 98 0.20 14.97 -4.82
CA ILE A 98 1.51 14.33 -4.82
C ILE A 98 1.46 13.02 -5.61
N LEU A 99 0.47 12.17 -5.34
CA LEU A 99 0.39 10.90 -6.04
C LEU A 99 0.06 11.10 -7.52
N GLU A 100 -0.88 11.99 -7.82
CA GLU A 100 -1.30 12.21 -9.19
C GLU A 100 -0.73 13.53 -9.71
N ALA A 101 0.57 13.74 -9.49
CA ALA A 101 1.26 14.93 -9.97
C ALA A 101 2.65 14.54 -10.43
N ASP A 102 3.18 15.30 -11.39
CA ASP A 102 4.50 15.10 -11.92
C ASP A 102 5.42 16.23 -11.50
N PRO A 103 6.74 16.01 -11.50
CA PRO A 103 7.68 17.11 -11.34
C PRO A 103 7.47 18.14 -12.45
N PRO A 104 7.64 19.44 -12.14
CA PRO A 104 8.07 19.99 -10.85
C PRO A 104 6.94 20.21 -9.85
N ALA A 105 5.68 20.09 -10.29
CA ALA A 105 4.57 20.34 -9.38
C ALA A 105 4.54 19.35 -8.22
N HIS A 106 5.04 18.14 -8.44
CA HIS A 106 5.09 17.12 -7.41
C HIS A 106 6.20 17.35 -6.39
N THR A 107 7.24 18.10 -6.76
CA THR A 107 8.48 18.15 -5.98
C THR A 107 8.25 18.70 -4.58
N ARG A 108 7.72 19.92 -4.47
CA ARG A 108 7.63 20.60 -3.19
C ARG A 108 6.60 19.96 -2.24
N PRO A 109 5.40 19.58 -2.72
CA PRO A 109 4.51 18.80 -1.85
C PRO A 109 5.11 17.48 -1.40
N ARG A 110 5.97 16.88 -2.23
CA ARG A 110 6.68 15.68 -1.80
C ARG A 110 7.67 15.99 -0.68
N ALA A 111 8.34 17.14 -0.76
CA ALA A 111 9.31 17.51 0.25
C ALA A 111 8.62 17.77 1.59
N VAL A 112 7.42 18.34 1.57
CA VAL A 112 6.69 18.60 2.81
C VAL A 112 6.33 17.30 3.49
N LEU A 113 5.70 16.38 2.75
CA LEU A 113 5.37 15.08 3.32
C LEU A 113 6.62 14.32 3.75
N SER A 114 7.74 14.52 3.04
CA SER A 114 8.99 13.89 3.44
C SER A 114 9.46 14.41 4.79
N LYS A 115 9.29 15.71 5.05
CA LYS A 115 9.70 16.29 6.31
C LYS A 115 8.71 16.00 7.43
N VAL A 116 7.42 15.87 7.12
CA VAL A 116 6.44 15.53 8.13
C VAL A 116 6.63 14.07 8.57
N LEU A 117 6.80 13.17 7.61
CA LEU A 117 7.07 11.76 7.88
C LEU A 117 8.58 11.48 7.83
N SER A 118 9.33 12.31 8.51
CA SER A 118 10.79 12.30 8.44
C SER A 118 11.38 11.31 9.43
N PRO A 119 12.66 10.99 9.28
CA PRO A 119 13.34 10.19 10.31
C PRO A 119 13.26 10.82 11.69
N ALA A 120 13.37 12.14 11.79
CA ALA A 120 13.28 12.80 13.10
C ALA A 120 11.89 12.65 13.69
N THR A 121 10.86 12.52 12.84
CA THR A 121 9.50 12.33 13.34
C THR A 121 9.28 10.89 13.81
N MET A 122 9.98 9.92 13.20
CA MET A 122 9.85 8.54 13.66
C MET A 122 10.40 8.37 15.07
N LYS A 123 11.41 9.16 15.44
CA LYS A 123 11.97 9.07 16.79
C LYS A 123 10.96 9.54 17.84
N THR A 124 10.08 10.47 17.48
CA THR A 124 9.11 10.99 18.43
C THR A 124 7.94 10.04 18.68
N ILE A 125 7.68 9.12 17.77
CA ILE A 125 6.51 8.25 17.87
C ILE A 125 6.86 6.78 18.08
N ARG A 126 8.15 6.41 17.97
CA ARG A 126 8.50 4.98 18.01
C ARG A 126 8.16 4.35 19.35
N ASP A 127 8.46 5.04 20.45
CA ASP A 127 8.20 4.47 21.77
CA ASP A 127 8.21 4.46 21.77
C ASP A 127 6.71 4.25 22.00
N GLY A 128 5.88 5.22 21.59
CA GLY A 128 4.45 5.05 21.74
C GLY A 128 3.89 3.98 20.81
N PHE A 129 4.46 3.88 19.61
CA PHE A 129 4.02 2.84 18.67
C PHE A 129 4.42 1.45 19.16
N ALA A 130 5.66 1.31 19.66
CA ALA A 130 6.13 0.01 20.13
C ALA A 130 5.37 -0.43 21.39
N ALA A 131 5.12 0.50 22.31
CA ALA A 131 4.38 0.15 23.52
C ALA A 131 2.96 -0.28 23.20
N ALA A 132 2.31 0.41 22.24
CA ALA A 132 0.97 0.01 21.84
C ALA A 132 0.97 -1.32 21.10
N ALA A 133 2.05 -1.63 20.38
CA ALA A 133 2.15 -2.93 19.73
C ALA A 133 2.30 -4.05 20.74
N ASP A 134 3.08 -3.82 21.81
CA ASP A 134 3.24 -4.84 22.84
C ASP A 134 1.96 -5.01 23.65
N ALA A 135 1.26 -3.90 23.92
CA ALA A 135 0.01 -3.97 24.67
C ALA A 135 -1.07 -4.71 23.90
N LYS A 136 -1.08 -4.57 22.57
CA LYS A 136 -2.07 -5.27 21.76
C LYS A 136 -1.82 -6.78 21.76
N VAL A 137 -0.56 -7.18 21.56
CA VAL A 137 -0.23 -8.61 21.54
C VAL A 137 -0.55 -9.25 22.88
N ASP A 138 -0.23 -8.56 23.98
CA ASP A 138 -0.57 -9.09 25.30
C ASP A 138 -2.08 -9.24 25.47
N GLU A 139 -2.85 -8.28 24.96
CA GLU A 139 -4.30 -8.37 25.04
C GLU A 139 -4.82 -9.53 24.19
N LEU A 140 -4.19 -9.77 23.03
CA LEU A 140 -4.62 -10.86 22.17
C LEU A 140 -4.26 -12.22 22.76
N LEU A 141 -3.13 -12.31 23.48
CA LEU A 141 -2.76 -13.56 24.13
C LEU A 141 -3.71 -13.93 25.25
N GLN A 142 -4.44 -12.96 25.81
CA GLN A 142 -5.44 -13.27 26.82
C GLN A 142 -6.69 -13.89 26.20
N ARG A 143 -6.94 -13.65 24.91
CA ARG A 143 -8.07 -14.27 24.22
C ARG A 143 -7.71 -15.61 23.59
N GLY A 144 -6.46 -15.78 23.17
CA GLY A 144 -6.03 -17.01 22.55
C GLY A 144 -6.44 -17.10 21.09
N CYS A 145 -7.73 -17.32 20.84
CA CYS A 145 -8.26 -17.43 19.49
C CYS A 145 -8.78 -16.06 19.06
N ILE A 146 -8.13 -15.47 18.06
CA ILE A 146 -8.44 -14.12 17.61
C ILE A 146 -8.58 -14.12 16.09
N ASP A 147 -9.02 -12.97 15.57
CA ASP A 147 -8.97 -12.69 14.14
C ASP A 147 -7.77 -11.78 13.90
N ALA A 148 -6.71 -12.35 13.31
CA ALA A 148 -5.48 -11.61 13.09
C ALA A 148 -5.66 -10.40 12.19
N ILE A 149 -6.79 -10.28 11.49
CA ILE A 149 -7.08 -9.11 10.68
C ILE A 149 -7.75 -8.05 11.54
N ALA A 150 -8.96 -8.34 12.02
CA ALA A 150 -9.73 -7.34 12.75
C ALA A 150 -9.10 -7.01 14.10
N ASP A 151 -8.58 -8.01 14.80
CA ASP A 151 -8.07 -7.81 16.15
C ASP A 151 -6.58 -7.49 16.19
N LEU A 152 -5.88 -7.55 15.06
CA LEU A 152 -4.44 -7.30 15.04
C LEU A 152 -4.07 -6.42 13.86
N ALA A 153 -4.26 -6.94 12.64
CA ALA A 153 -3.85 -6.20 11.45
C ALA A 153 -4.60 -4.87 11.33
N GLU A 154 -5.88 -4.86 11.70
CA GLU A 154 -6.65 -3.62 11.67
C GLU A 154 -6.59 -2.87 12.99
N ALA A 155 -6.71 -3.58 14.12
CA ALA A 155 -6.88 -2.93 15.40
C ALA A 155 -5.64 -2.14 15.80
N TYR A 156 -4.44 -2.66 15.51
CA TYR A 156 -3.24 -1.96 15.96
C TYR A 156 -3.00 -0.67 15.19
N PRO A 157 -2.95 -0.65 13.85
CA PRO A 157 -2.77 0.64 13.16
C PRO A 157 -3.88 1.63 13.45
N LEU A 158 -5.11 1.16 13.67
CA LEU A 158 -6.19 2.07 14.02
C LEU A 158 -6.02 2.66 15.40
N SER A 159 -5.15 2.08 16.23
CA SER A 159 -4.91 2.55 17.59
C SER A 159 -3.68 3.43 17.72
N VAL A 160 -2.93 3.64 16.63
CA VAL A 160 -1.72 4.45 16.69
C VAL A 160 -1.73 5.51 15.60
N PHE A 161 -2.18 5.16 14.40
CA PHE A 161 -2.05 6.06 13.26
C PHE A 161 -3.05 7.21 13.29
N PRO A 162 -4.35 6.97 13.55
CA PRO A 162 -5.26 8.12 13.67
C PRO A 162 -4.87 9.07 14.79
N ASP A 163 -4.35 8.56 15.90
CA ASP A 163 -3.84 9.43 16.95
C ASP A 163 -2.60 10.18 16.49
N ALA A 164 -1.69 9.49 15.80
CA ALA A 164 -0.50 10.17 15.27
C ALA A 164 -0.89 11.22 14.25
N MET A 165 -1.96 10.97 13.48
CA MET A 165 -2.44 11.98 12.53
C MET A 165 -3.00 13.20 13.26
N GLY A 166 -3.47 13.03 14.48
CA GLY A 166 -4.17 14.09 15.18
C GLY A 166 -5.66 14.12 14.94
N LEU A 167 -6.26 13.00 14.55
CA LEU A 167 -7.68 12.95 14.26
C LEU A 167 -8.49 12.82 15.54
N LYS A 168 -9.70 13.38 15.50
CA LYS A 168 -10.62 13.21 16.61
C LYS A 168 -11.10 11.76 16.68
N GLN A 169 -11.71 11.41 17.81
CA GLN A 169 -12.20 10.04 17.99
C GLN A 169 -13.43 9.78 17.11
N GLU A 170 -14.27 10.79 16.93
CA GLU A 170 -15.51 10.61 16.19
C GLU A 170 -15.23 10.33 14.71
N GLY A 171 -15.98 9.40 14.14
CA GLY A 171 -15.95 9.16 12.71
C GLY A 171 -14.77 8.36 12.21
N ARG A 172 -13.97 7.76 13.09
CA ARG A 172 -12.83 6.98 12.63
C ARG A 172 -13.26 5.72 11.88
N GLU A 173 -14.52 5.30 12.01
CA GLU A 173 -15.03 4.16 11.27
C GLU A 173 -15.14 4.43 9.78
N HIS A 174 -14.90 5.66 9.34
CA HIS A 174 -14.89 6.00 7.91
C HIS A 174 -13.52 5.82 7.28
N LEU A 175 -12.46 5.67 8.08
CA LEU A 175 -11.10 5.70 7.54
C LEU A 175 -10.84 4.52 6.61
N LEU A 176 -11.10 3.31 7.08
CA LEU A 176 -10.88 2.12 6.26
C LEU A 176 -11.83 2.06 5.08
N PRO A 177 -13.14 2.33 5.26
CA PRO A 177 -14.02 2.39 4.07
C PRO A 177 -13.57 3.39 3.02
N TYR A 178 -13.06 4.55 3.44
CA TYR A 178 -12.57 5.53 2.46
C TYR A 178 -11.30 5.03 1.77
N ALA A 179 -10.44 4.34 2.52
CA ALA A 179 -9.21 3.82 1.93
C ALA A 179 -9.52 2.78 0.85
N GLY A 180 -10.42 1.84 1.16
CA GLY A 180 -10.81 0.86 0.16
C GLY A 180 -11.52 1.48 -1.03
N LEU A 181 -12.25 2.56 -0.80
CA LEU A 181 -12.89 3.28 -1.91
C LEU A 181 -11.85 3.87 -2.85
N VAL A 182 -10.81 4.48 -2.29
CA VAL A 182 -9.77 5.11 -3.12
C VAL A 182 -9.11 4.08 -4.02
N PHE A 183 -8.70 2.95 -3.44
CA PHE A 183 -7.98 1.95 -4.23
C PHE A 183 -8.90 1.20 -5.18
N ASN A 184 -10.18 1.04 -4.82
CA ASN A 184 -11.15 0.50 -5.76
C ASN A 184 -11.36 1.45 -6.94
N ALA A 185 -11.28 2.76 -6.69
CA ALA A 185 -11.47 3.73 -7.76
C ALA A 185 -10.29 3.79 -8.72
N PHE A 186 -9.13 3.29 -8.32
CA PHE A 186 -8.01 3.17 -9.25
C PHE A 186 -8.28 2.15 -10.34
N GLY A 187 -9.23 1.24 -10.12
CA GLY A 187 -9.47 0.16 -11.04
C GLY A 187 -10.37 0.57 -12.19
N PRO A 188 -10.67 -0.40 -13.03
CA PRO A 188 -11.55 -0.15 -14.18
C PRO A 188 -12.98 0.06 -13.71
N PRO A 189 -13.86 0.54 -14.58
CA PRO A 189 -15.26 0.69 -14.17
C PRO A 189 -15.99 -0.65 -14.07
N ASN A 190 -15.48 -1.56 -13.25
CA ASN A 190 -16.18 -2.80 -12.96
C ASN A 190 -17.14 -2.56 -11.80
N GLU A 191 -17.79 -3.63 -11.32
CA GLU A 191 -18.76 -3.47 -10.23
C GLU A 191 -18.08 -3.10 -8.93
N LEU A 192 -16.84 -3.52 -8.71
CA LEU A 192 -16.12 -3.15 -7.50
C LEU A 192 -15.95 -1.64 -7.40
N ARG A 193 -15.55 -1.00 -8.49
CA ARG A 193 -15.33 0.44 -8.48
C ARG A 193 -16.64 1.21 -8.37
N GLN A 194 -17.65 0.85 -9.16
CA GLN A 194 -18.87 1.65 -9.15
C GLN A 194 -19.68 1.44 -7.88
N THR A 195 -19.61 0.26 -7.28
CA THR A 195 -20.28 0.08 -5.99
C THR A 195 -19.60 0.91 -4.91
N ALA A 196 -18.27 0.97 -4.93
CA ALA A 196 -17.56 1.77 -3.94
C ALA A 196 -17.89 3.25 -4.07
N ILE A 197 -17.85 3.77 -5.30
CA ILE A 197 -18.18 5.18 -5.51
C ILE A 197 -19.63 5.45 -5.15
N GLU A 198 -20.50 4.46 -5.33
CA GLU A 198 -21.91 4.64 -4.98
C GLU A 198 -22.07 4.89 -3.48
N ARG A 199 -21.33 4.16 -2.66
CA ARG A 199 -21.41 4.26 -1.20
C ARG A 199 -20.42 5.28 -0.64
N SER A 200 -19.91 6.18 -1.46
CA SER A 200 -18.76 7.00 -1.07
C SER A 200 -19.12 8.25 -0.31
N ALA A 201 -20.34 8.77 -0.49
CA ALA A 201 -20.68 10.11 0.01
C ALA A 201 -20.36 10.34 1.49
N PRO A 202 -20.76 9.46 2.43
CA PRO A 202 -20.42 9.74 3.84
C PRO A 202 -18.93 9.66 4.13
N HIS A 203 -18.21 8.75 3.48
CA HIS A 203 -16.78 8.64 3.73
C HIS A 203 -16.03 9.86 3.20
N GLN A 204 -16.41 10.36 2.02
CA GLN A 204 -15.79 11.56 1.48
C GLN A 204 -16.02 12.76 2.39
N ALA A 205 -17.23 12.91 2.90
CA ALA A 205 -17.56 14.07 3.72
C ALA A 205 -16.76 14.06 5.02
N TYR A 206 -16.57 12.89 5.63
CA TYR A 206 -15.77 12.81 6.84
C TYR A 206 -14.32 13.17 6.55
N VAL A 207 -13.72 12.52 5.57
CA VAL A 207 -12.29 12.70 5.29
C VAL A 207 -12.00 14.15 4.94
N ASN A 208 -12.80 14.73 4.04
CA ASN A 208 -12.56 16.11 3.61
C ASN A 208 -12.70 17.09 4.76
N GLU A 209 -13.56 16.78 5.75
CA GLU A 209 -13.74 17.68 6.88
C GLU A 209 -12.57 17.61 7.86
N GLN A 210 -12.03 16.40 8.08
CA GLN A 210 -10.88 16.26 8.98
C GLN A 210 -9.61 16.84 8.39
N CYS A 211 -9.57 17.12 7.08
CA CYS A 211 -8.40 17.73 6.47
C CYS A 211 -8.27 19.21 6.81
N GLN A 212 -9.30 19.82 7.38
CA GLN A 212 -9.24 21.23 7.73
C GLN A 212 -8.45 21.43 9.01
N ARG A 213 -7.59 22.45 9.01
CA ARG A 213 -6.68 22.71 10.13
C ARG A 213 -7.34 22.71 11.51
N PRO A 214 -8.51 23.32 11.72
CA PRO A 214 -9.09 23.31 13.08
C PRO A 214 -9.42 21.93 13.61
N ASN A 215 -9.60 20.94 12.74
CA ASN A 215 -9.99 19.60 13.17
C ASN A 215 -8.80 18.69 13.44
N LEU A 216 -7.58 19.18 13.34
CA LEU A 216 -6.38 18.38 13.50
C LEU A 216 -5.68 18.74 14.80
N ALA A 217 -5.41 17.74 15.64
CA ALA A 217 -4.82 17.99 16.94
C ALA A 217 -3.39 18.48 16.79
N PRO A 218 -2.93 19.38 17.66
CA PRO A 218 -1.55 19.88 17.55
C PRO A 218 -0.53 18.78 17.79
N GLY A 219 0.61 18.90 17.11
CA GLY A 219 1.67 17.92 17.20
C GLY A 219 1.53 16.76 16.22
N GLY A 220 0.34 16.48 15.73
CA GLY A 220 0.12 15.38 14.82
C GLY A 220 0.60 15.67 13.41
N PHE A 221 0.51 14.64 12.57
CA PHE A 221 0.94 14.78 11.17
C PHE A 221 0.10 15.83 10.44
N GLY A 222 -1.21 15.85 10.70
CA GLY A 222 -2.07 16.77 10.00
C GLY A 222 -1.78 18.22 10.33
N ALA A 223 -1.66 18.54 11.62
CA ALA A 223 -1.30 19.90 12.02
C ALA A 223 0.09 20.27 11.53
N CYS A 224 1.01 19.30 11.47
CA CYS A 224 2.35 19.58 10.97
CA CYS A 224 2.35 19.59 10.97
C CYS A 224 2.32 19.92 9.48
N ILE A 225 1.42 19.30 8.72
CA ILE A 225 1.30 19.63 7.30
C ILE A 225 0.82 21.06 7.13
N HIS A 226 -0.18 21.47 7.92
CA HIS A 226 -0.66 22.85 7.87
C HIS A 226 0.40 23.83 8.33
N ALA A 227 1.29 23.41 9.24
CA ALA A 227 2.35 24.29 9.70
C ALA A 227 3.41 24.53 8.63
N PHE A 228 3.49 23.67 7.62
CA PHE A 228 4.46 23.82 6.54
C PHE A 228 4.00 24.76 5.44
N THR A 229 2.87 25.43 5.62
CA THR A 229 2.33 26.29 4.57
C THR A 229 3.04 27.63 4.44
N ASP A 230 3.93 27.93 5.40
N ASP A 230 3.93 28.00 5.35
CA ASP A 230 4.67 29.18 5.49
CA ASP A 230 4.58 29.30 5.21
C ASP A 230 5.95 29.19 4.68
C ASP A 230 6.02 29.20 4.73
N THR A 231 6.46 28.02 4.31
CA THR A 231 7.83 27.89 3.79
C THR A 231 7.96 28.23 2.31
N GLY A 232 6.85 28.32 1.58
CA GLY A 232 6.90 28.45 0.14
C GLY A 232 6.89 27.15 -0.61
N GLU A 233 6.73 26.01 0.09
CA GLU A 233 6.62 24.71 -0.55
C GLU A 233 5.18 24.36 -0.87
N ILE A 234 4.26 24.61 0.07
CA ILE A 234 2.84 24.46 -0.15
C ILE A 234 2.12 25.70 0.38
N THR A 235 0.95 25.95 -0.17
CA THR A 235 0.09 27.05 0.25
C THR A 235 -1.01 26.55 1.19
N PRO A 236 -1.60 27.43 1.99
CA PRO A 236 -2.66 26.97 2.91
C PRO A 236 -3.82 26.29 2.22
N ASP A 237 -4.15 26.66 0.98
CA ASP A 237 -5.22 26.00 0.26
C ASP A 237 -4.80 24.63 -0.27
N GLU A 238 -3.50 24.35 -0.32
CA GLU A 238 -3.01 23.04 -0.70
C GLU A 238 -2.88 22.09 0.49
N ALA A 239 -2.93 22.60 1.72
CA ALA A 239 -2.70 21.75 2.89
C ALA A 239 -3.78 20.70 3.10
N PRO A 240 -5.10 20.98 2.95
CA PRO A 240 -6.09 19.92 3.17
C PRO A 240 -5.94 18.74 2.22
N LEU A 241 -5.50 18.97 0.99
CA LEU A 241 -5.31 17.85 0.05
C LEU A 241 -4.16 16.97 0.48
N LEU A 242 -3.08 17.56 1.00
CA LEU A 242 -1.94 16.77 1.46
C LEU A 242 -2.33 15.92 2.68
N VAL A 243 -3.18 16.47 3.55
CA VAL A 243 -3.70 15.68 4.66
C VAL A 243 -4.56 14.53 4.13
N ARG A 244 -5.32 14.80 3.07
CA ARG A 244 -6.16 13.76 2.46
C ARG A 244 -5.32 12.60 1.94
N SER A 245 -4.11 12.89 1.47
CA SER A 245 -3.23 11.82 1.02
C SER A 245 -2.94 10.82 2.14
N LEU A 246 -2.70 11.33 3.35
CA LEU A 246 -2.44 10.45 4.48
C LEU A 246 -3.69 9.76 4.99
N LEU A 247 -4.87 10.25 4.60
CA LEU A 247 -6.12 9.59 4.92
C LEU A 247 -6.61 8.68 3.79
N SER A 248 -5.92 8.66 2.66
CA SER A 248 -6.33 7.81 1.54
C SER A 248 -5.49 6.55 1.50
N GLY A 249 -4.19 6.70 1.30
CA GLY A 249 -3.28 5.56 1.25
C GLY A 249 -2.28 5.56 2.38
N ALA A 250 -2.60 4.85 3.45
CA ALA A 250 -1.71 4.76 4.61
C ALA A 250 -2.15 3.65 5.55
N LEU A 251 -3.46 3.54 5.77
CA LEU A 251 -3.98 2.60 6.75
C LEU A 251 -4.16 1.20 6.15
N GLN A 252 -4.94 1.10 5.08
CA GLN A 252 -5.36 -0.21 4.58
C GLN A 252 -4.18 -1.03 4.08
N GLU A 253 -3.25 -0.40 3.37
CA GLU A 253 -2.09 -1.14 2.86
C GLU A 253 -1.18 -1.58 4.00
N THR A 254 -1.02 -0.72 5.01
CA THR A 254 -0.27 -1.12 6.20
C THR A 254 -0.98 -2.25 6.94
N VAL A 255 -2.30 -2.17 7.04
CA VAL A 255 -3.08 -3.27 7.61
C VAL A 255 -2.87 -4.54 6.78
N ASN A 256 -2.97 -4.42 5.46
CA ASN A 256 -2.77 -5.57 4.58
C ASN A 256 -1.34 -6.11 4.71
N GLY A 257 -0.37 -5.23 4.89
CA GLY A 257 0.99 -5.68 5.06
C GLY A 257 1.20 -6.43 6.37
N ILE A 258 0.71 -5.85 7.46
CA ILE A 258 0.81 -6.53 8.76
C ILE A 258 0.02 -7.83 8.74
N GLY A 259 -1.18 -7.81 8.15
CA GLY A 259 -1.96 -9.02 8.05
C GLY A 259 -1.29 -10.08 7.20
N ALA A 260 -0.50 -9.65 6.21
CA ALA A 260 0.23 -10.61 5.39
C ALA A 260 1.38 -11.24 6.17
N ALA A 261 2.04 -10.44 7.02
CA ALA A 261 3.15 -10.96 7.82
C ALA A 261 2.67 -12.02 8.79
N VAL A 262 1.57 -11.76 9.50
CA VAL A 262 0.99 -12.75 10.38
C VAL A 262 0.60 -14.00 9.60
N TYR A 263 0.01 -13.80 8.42
CA TYR A 263 -0.33 -14.91 7.53
C TYR A 263 0.90 -15.73 7.18
N CYS A 264 1.98 -15.06 6.77
CA CYS A 264 3.21 -15.75 6.40
C CYS A 264 3.82 -16.48 7.60
N LEU A 265 3.85 -15.82 8.75
CA LEU A 265 4.39 -16.44 9.95
C LEU A 265 3.58 -17.67 10.36
N ALA A 266 2.29 -17.70 10.02
CA ALA A 266 1.47 -18.86 10.32
C ALA A 266 1.64 -19.97 9.29
N ARG A 267 1.89 -19.60 8.03
CA ARG A 267 2.05 -20.60 6.97
C ARG A 267 3.48 -21.10 6.89
N PHE A 268 4.45 -20.29 7.29
CA PHE A 268 5.87 -20.67 7.31
C PHE A 268 6.31 -20.68 8.77
N PRO A 269 6.03 -21.75 9.50
CA PRO A 269 6.38 -21.79 10.93
C PRO A 269 7.88 -21.75 11.18
N GLY A 270 8.68 -22.20 10.22
CA GLY A 270 10.13 -22.09 10.36
C GLY A 270 10.59 -20.64 10.45
N GLU A 271 9.93 -19.76 9.69
CA GLU A 271 10.31 -18.35 9.72
C GLU A 271 9.90 -17.68 11.02
N LEU A 272 8.77 -18.11 11.61
CA LEU A 272 8.40 -17.61 12.93
C LEU A 272 9.43 -18.05 13.97
N GLN A 273 9.92 -19.28 13.86
CA GLN A 273 10.92 -19.75 14.82
CA GLN A 273 10.92 -19.75 14.82
C GLN A 273 12.24 -19.01 14.66
N ARG A 274 12.60 -18.64 13.42
CA ARG A 274 13.81 -17.84 13.24
C ARG A 274 13.61 -16.43 13.78
N LEU A 275 12.40 -15.88 13.59
CA LEU A 275 12.11 -14.54 14.10
C LEU A 275 12.13 -14.52 15.62
N ARG A 276 11.62 -15.57 16.25
CA ARG A 276 11.67 -15.65 17.71
C ARG A 276 13.10 -15.69 18.22
N SER A 277 13.97 -16.44 17.54
CA SER A 277 15.35 -16.55 17.97
C SER A 277 16.14 -15.27 17.74
N ASP A 278 15.69 -14.40 16.85
CA ASP A 278 16.34 -13.12 16.59
C ASP A 278 15.28 -12.08 16.31
N PRO A 279 14.74 -11.45 17.36
CA PRO A 279 13.68 -10.45 17.14
C PRO A 279 14.12 -9.25 16.32
N THR A 280 15.42 -9.00 16.19
CA THR A 280 15.90 -7.90 15.36
C THR A 280 15.60 -8.11 13.88
N LEU A 281 15.24 -9.32 13.48
CA LEU A 281 14.79 -9.59 12.12
C LEU A 281 13.38 -9.08 11.84
N ALA A 282 12.75 -8.42 12.82
CA ALA A 282 11.35 -8.00 12.66
C ALA A 282 11.18 -7.03 11.51
N ARG A 283 12.10 -6.06 11.38
CA ARG A 283 11.96 -5.06 10.34
C ARG A 283 12.07 -5.68 8.95
N ASN A 284 13.00 -6.63 8.79
CA ASN A 284 13.12 -7.31 7.50
C ASN A 284 12.01 -8.34 7.31
N ALA A 285 11.49 -8.92 8.39
CA ALA A 285 10.36 -9.82 8.27
C ALA A 285 9.13 -9.10 7.74
N PHE A 286 8.97 -7.82 8.10
CA PHE A 286 7.87 -7.03 7.54
C PHE A 286 8.16 -6.62 6.10
N GLU A 287 9.41 -6.22 5.82
CA GLU A 287 9.79 -5.85 4.46
C GLU A 287 9.57 -7.02 3.50
N GLU A 288 9.94 -8.23 3.92
CA GLU A 288 9.71 -9.40 3.08
C GLU A 288 8.23 -9.69 2.93
N ALA A 289 7.43 -9.43 3.96
CA ALA A 289 5.98 -9.57 3.83
C ALA A 289 5.43 -8.58 2.81
N VAL A 290 6.01 -7.38 2.76
CA VAL A 290 5.57 -6.40 1.77
C VAL A 290 5.94 -6.86 0.36
N ARG A 291 7.10 -7.49 0.21
CA ARG A 291 7.46 -8.05 -1.10
C ARG A 291 6.62 -9.27 -1.42
N PHE A 292 6.43 -10.15 -0.44
CA PHE A 292 5.72 -11.41 -0.68
C PHE A 292 4.26 -11.17 -1.07
N GLU A 293 3.58 -10.27 -0.37
CA GLU A 293 2.17 -10.00 -0.62
C GLU A 293 1.94 -8.82 -1.54
N SER A 294 2.77 -7.78 -1.45
CA SER A 294 2.59 -6.54 -2.19
C SER A 294 1.17 -6.02 -1.98
N PRO A 295 0.89 -5.40 -0.83
CA PRO A 295 -0.47 -4.90 -0.57
C PRO A 295 -1.00 -4.01 -1.66
N VAL A 296 -0.14 -3.22 -2.30
CA VAL A 296 -0.51 -2.47 -3.49
C VAL A 296 -0.06 -3.30 -4.69
N GLN A 297 -1.03 -3.92 -5.37
CA GLN A 297 -0.71 -4.87 -6.42
C GLN A 297 -0.34 -4.16 -7.72
N THR A 298 -1.11 -3.15 -8.11
CA THR A 298 -0.97 -2.54 -9.42
C THR A 298 -1.09 -1.03 -9.33
N PHE A 299 -0.46 -0.34 -10.27
CA PHE A 299 -0.63 1.09 -10.47
C PHE A 299 -0.46 1.40 -11.95
N PHE A 300 -1.12 2.45 -12.40
CA PHE A 300 -1.07 2.85 -13.81
C PHE A 300 -0.13 4.03 -14.01
N ARG A 301 0.40 4.12 -15.23
CA ARG A 301 1.06 5.33 -15.72
C ARG A 301 0.53 5.63 -17.11
N THR A 302 0.69 6.87 -17.53
CA THR A 302 0.25 7.30 -18.85
C THR A 302 1.45 7.82 -19.64
N THR A 303 1.59 7.35 -20.88
CA THR A 303 2.71 7.77 -21.72
C THR A 303 2.48 9.19 -22.21
N THR A 304 3.48 10.06 -22.03
CA THR A 304 3.44 11.43 -22.53
C THR A 304 4.00 11.55 -23.94
N ARG A 305 4.48 10.46 -24.52
CA ARG A 305 5.08 10.47 -25.85
C ARG A 305 5.14 9.04 -26.35
N GLU A 306 5.53 8.89 -27.61
CA GLU A 306 5.84 7.56 -28.13
C GLU A 306 7.15 7.08 -27.52
N VAL A 307 7.14 5.87 -26.97
CA VAL A 307 8.28 5.35 -26.23
C VAL A 307 8.50 3.88 -26.62
N GLU A 308 9.76 3.48 -26.67
CA GLU A 308 10.15 2.10 -26.86
C GLU A 308 10.50 1.49 -25.51
N LEU A 309 9.85 0.37 -25.17
CA LEU A 309 10.11 -0.33 -23.92
C LEU A 309 9.99 -1.82 -24.16
N GLY A 310 11.06 -2.55 -23.88
CA GLY A 310 11.07 -3.99 -24.09
C GLY A 310 10.85 -4.39 -25.53
N GLY A 311 11.32 -3.59 -26.49
CA GLY A 311 11.12 -3.87 -27.89
C GLY A 311 9.76 -3.50 -28.44
N ALA A 312 8.89 -2.90 -27.63
CA ALA A 312 7.55 -2.51 -28.05
C ALA A 312 7.45 -0.99 -28.13
N VAL A 313 6.75 -0.51 -29.14
CA VAL A 313 6.57 0.93 -29.37
C VAL A 313 5.18 1.29 -28.84
N ILE A 314 5.16 2.04 -27.73
CA ILE A 314 3.92 2.45 -27.09
C ILE A 314 3.64 3.90 -27.48
N GLY A 315 2.47 4.15 -28.04
CA GLY A 315 2.10 5.48 -28.48
C GLY A 315 1.88 6.44 -27.33
N GLU A 316 1.64 7.69 -27.69
CA GLU A 316 1.37 8.73 -26.71
C GLU A 316 -0.03 8.56 -26.12
N GLY A 317 -0.18 8.95 -24.86
CA GLY A 317 -1.48 8.91 -24.22
C GLY A 317 -2.02 7.52 -23.97
N GLU A 318 -1.15 6.54 -23.75
CA GLU A 318 -1.55 5.17 -23.50
C GLU A 318 -1.37 4.84 -22.02
N LYS A 319 -2.35 4.16 -21.45
CA LYS A 319 -2.26 3.70 -20.07
C LYS A 319 -1.39 2.46 -19.99
N VAL A 320 -0.44 2.46 -19.05
CA VAL A 320 0.46 1.34 -18.84
C VAL A 320 0.22 0.82 -17.43
N LEU A 321 -0.16 -0.45 -17.32
CA LEU A 321 -0.46 -1.08 -16.04
C LEU A 321 0.78 -1.80 -15.52
N MET A 322 1.26 -1.40 -14.35
CA MET A 322 2.41 -2.01 -13.72
C MET A 322 1.93 -3.02 -12.68
N PHE A 323 2.44 -4.26 -12.79
CA PHE A 323 2.11 -5.32 -11.83
C PHE A 323 3.22 -5.35 -10.79
N LEU A 324 3.04 -4.56 -9.73
CA LEU A 324 4.05 -4.50 -8.67
C LEU A 324 4.21 -5.85 -7.98
N GLY A 325 3.10 -6.51 -7.66
CA GLY A 325 3.18 -7.81 -7.01
C GLY A 325 3.84 -8.87 -7.88
N SER A 326 3.66 -8.78 -9.20
CA SER A 326 4.32 -9.72 -10.10
C SER A 326 5.80 -9.39 -10.24
N ALA A 327 6.15 -8.09 -10.23
CA ALA A 327 7.54 -7.71 -10.27
C ALA A 327 8.29 -8.15 -9.01
N ASN A 328 7.58 -8.28 -7.89
CA ASN A 328 8.18 -8.76 -6.65
C ASN A 328 8.29 -10.28 -6.60
N ARG A 329 7.69 -10.99 -7.55
CA ARG A 329 7.79 -12.45 -7.63
C ARG A 329 8.39 -12.91 -8.95
N ASP A 330 9.04 -12.01 -9.67
CA ASP A 330 9.68 -12.36 -10.94
C ASP A 330 10.92 -13.20 -10.69
N PRO A 331 10.96 -14.45 -11.16
CA PRO A 331 12.17 -15.27 -10.96
C PRO A 331 13.38 -14.76 -11.72
N ARG A 332 13.20 -13.83 -12.67
CA ARG A 332 14.33 -13.18 -13.31
C ARG A 332 15.06 -12.24 -12.36
N ARG A 333 14.46 -11.90 -11.22
CA ARG A 333 15.04 -10.99 -10.25
C ARG A 333 15.17 -11.59 -8.86
N TRP A 334 14.25 -12.47 -8.45
CA TRP A 334 14.22 -13.01 -7.11
C TRP A 334 14.45 -14.51 -7.15
N SER A 335 15.31 -14.99 -6.25
CA SER A 335 15.51 -16.43 -6.10
C SER A 335 14.45 -16.99 -5.16
N ASP A 336 13.79 -18.07 -5.61
CA ASP A 336 12.66 -18.65 -4.90
C ASP A 336 11.64 -17.58 -4.51
N PRO A 337 11.05 -16.89 -5.50
CA PRO A 337 10.16 -15.75 -5.17
C PRO A 337 8.90 -16.17 -4.43
N ASP A 338 8.50 -17.42 -4.51
CA ASP A 338 7.31 -17.91 -3.83
C ASP A 338 7.53 -18.21 -2.35
N LEU A 339 8.75 -18.06 -1.86
CA LEU A 339 9.09 -18.42 -0.48
C LEU A 339 9.24 -17.17 0.37
N TYR A 340 8.60 -17.18 1.53
CA TYR A 340 8.72 -16.10 2.51
C TYR A 340 10.00 -16.32 3.30
N ASP A 341 10.98 -15.43 3.10
CA ASP A 341 12.30 -15.56 3.70
C ASP A 341 12.63 -14.27 4.44
N ILE A 342 12.62 -14.32 5.77
CA ILE A 342 12.84 -13.11 6.57
C ILE A 342 14.28 -12.62 6.56
N THR A 343 15.21 -13.41 6.02
CA THR A 343 16.59 -12.97 5.85
C THR A 343 16.92 -12.68 4.39
N ARG A 344 15.92 -12.64 3.52
CA ARG A 344 16.16 -12.30 2.12
C ARG A 344 16.58 -10.84 1.99
N LYS A 345 17.54 -10.60 1.10
CA LYS A 345 17.91 -9.23 0.75
C LYS A 345 16.78 -8.60 -0.08
N THR A 346 15.86 -7.91 0.59
CA THR A 346 14.68 -7.36 -0.06
C THR A 346 14.95 -6.03 -0.76
N SER A 347 16.17 -5.51 -0.70
CA SER A 347 16.47 -4.22 -1.30
C SER A 347 16.21 -4.26 -2.80
N GLY A 348 15.39 -3.32 -3.27
CA GLY A 348 15.05 -3.21 -4.67
C GLY A 348 13.62 -3.60 -5.01
N HIS A 349 12.87 -4.15 -4.06
CA HIS A 349 11.49 -4.53 -4.33
C HIS A 349 10.62 -3.29 -4.52
N VAL A 350 9.54 -3.44 -5.27
CA VAL A 350 8.70 -2.31 -5.66
C VAL A 350 7.37 -2.36 -4.93
N GLY A 351 7.36 -2.96 -3.73
CA GLY A 351 6.16 -2.93 -2.91
C GLY A 351 5.81 -1.52 -2.44
N PHE A 352 6.81 -0.66 -2.28
CA PHE A 352 6.60 0.75 -1.98
C PHE A 352 6.81 1.63 -3.20
N GLY A 353 6.84 1.05 -4.40
CA GLY A 353 7.15 1.82 -5.58
C GLY A 353 8.64 1.96 -5.76
N SER A 354 9.02 2.90 -6.64
CA SER A 354 10.41 3.16 -6.94
C SER A 354 10.50 4.50 -7.67
N GLY A 355 11.49 5.31 -7.30
CA GLY A 355 11.69 6.58 -7.97
C GLY A 355 11.10 7.75 -7.22
N VAL A 356 10.71 8.80 -7.97
CA VAL A 356 10.26 10.04 -7.37
C VAL A 356 8.96 9.87 -6.57
N HIS A 357 8.17 8.84 -6.87
CA HIS A 357 6.91 8.62 -6.18
C HIS A 357 6.99 7.54 -5.12
N MET A 358 8.17 6.96 -4.88
CA MET A 358 8.32 5.89 -3.91
C MET A 358 7.73 6.32 -2.56
N CYS A 359 6.93 5.42 -1.97
CA CYS A 359 6.08 5.72 -0.82
C CYS A 359 6.73 6.64 0.19
N VAL A 360 6.24 7.88 0.27
CA VAL A 360 6.79 8.85 1.21
C VAL A 360 6.49 8.47 2.65
N GLY A 361 5.48 7.64 2.88
CA GLY A 361 5.16 7.21 4.23
C GLY A 361 5.66 5.81 4.54
N GLN A 362 6.73 5.39 3.86
CA GLN A 362 7.27 4.05 4.08
C GLN A 362 7.93 3.91 5.45
N LEU A 363 8.38 5.02 6.04
CA LEU A 363 8.95 4.95 7.38
C LEU A 363 7.90 4.70 8.43
N VAL A 364 6.70 5.26 8.25
CA VAL A 364 5.61 4.99 9.19
C VAL A 364 5.15 3.54 9.08
N ALA A 365 5.00 3.04 7.84
CA ALA A 365 4.54 1.67 7.66
C ALA A 365 5.56 0.67 8.19
N ARG A 366 6.85 0.89 7.90
CA ARG A 366 7.88 -0.02 8.40
C ARG A 366 7.96 0.01 9.92
N LEU A 367 7.77 1.20 10.52
CA LEU A 367 7.79 1.31 11.97
C LEU A 367 6.61 0.56 12.60
N GLU A 368 5.41 0.75 12.03
CA GLU A 368 4.25 0.02 12.52
C GLU A 368 4.43 -1.48 12.34
N GLY A 369 4.99 -1.89 11.20
CA GLY A 369 5.17 -3.31 10.96
C GLY A 369 6.28 -3.92 11.80
N GLU A 370 7.37 -3.16 12.02
CA GLU A 370 8.50 -3.71 12.75
C GLU A 370 8.15 -3.95 14.22
N VAL A 371 7.54 -2.95 14.88
CA VAL A 371 7.28 -3.08 16.30
C VAL A 371 6.19 -4.11 16.59
N MET A 372 5.29 -4.33 15.63
CA MET A 372 4.28 -5.37 15.80
C MET A 372 4.90 -6.75 15.66
N LEU A 373 5.73 -6.95 14.63
CA LEU A 373 6.43 -8.22 14.49
C LEU A 373 7.43 -8.45 15.61
N SER A 374 8.02 -7.37 16.14
CA SER A 374 8.89 -7.49 17.31
C SER A 374 8.09 -7.96 18.52
N ALA A 375 6.90 -7.40 18.72
CA ALA A 375 6.05 -7.82 19.83
C ALA A 375 5.65 -9.29 19.69
N LEU A 376 5.30 -9.71 18.47
CA LEU A 376 4.99 -11.11 18.24
C LEU A 376 6.21 -11.99 18.45
N ALA A 377 7.38 -11.55 17.98
CA ALA A 377 8.60 -12.35 18.10
C ALA A 377 8.96 -12.60 19.55
N ARG A 378 8.64 -11.67 20.45
CA ARG A 378 9.04 -11.78 21.85
C ARG A 378 7.98 -12.43 22.74
N LYS A 379 6.71 -12.41 22.32
CA LYS A 379 5.63 -12.86 23.18
C LYS A 379 4.90 -14.11 22.68
N VAL A 380 5.02 -14.44 21.40
CA VAL A 380 4.23 -15.51 20.80
C VAL A 380 5.16 -16.67 20.48
N ALA A 381 4.72 -17.89 20.82
CA ALA A 381 5.46 -19.10 20.48
C ALA A 381 5.02 -19.70 19.15
N ALA A 382 3.72 -19.62 18.83
CA ALA A 382 3.22 -20.22 17.59
C ALA A 382 1.95 -19.50 17.17
N ILE A 383 1.73 -19.49 15.86
CA ILE A 383 0.52 -18.93 15.25
C ILE A 383 -0.08 -20.02 14.36
N ASP A 384 -1.27 -20.49 14.73
CA ASP A 384 -1.92 -21.60 14.02
C ASP A 384 -3.27 -21.14 13.49
N ILE A 385 -3.48 -21.29 12.19
CA ILE A 385 -4.78 -21.00 11.60
C ILE A 385 -5.79 -22.02 12.10
N ASP A 386 -6.90 -21.54 12.67
CA ASP A 386 -7.92 -22.41 13.23
C ASP A 386 -9.31 -22.03 12.74
N GLY A 387 -9.41 -21.48 11.53
CA GLY A 387 -10.67 -21.07 10.98
C GLY A 387 -10.59 -20.78 9.49
N PRO A 388 -11.75 -20.59 8.87
CA PRO A 388 -11.78 -20.28 7.43
C PRO A 388 -11.12 -18.94 7.13
N VAL A 389 -10.13 -18.96 6.25
CA VAL A 389 -9.47 -17.74 5.81
C VAL A 389 -10.28 -17.11 4.70
N LYS A 390 -10.55 -15.80 4.84
CA LYS A 390 -11.37 -15.07 3.88
C LYS A 390 -10.57 -13.93 3.28
N ARG A 391 -10.64 -13.78 1.96
CA ARG A 391 -9.92 -12.75 1.23
C ARG A 391 -10.85 -11.58 0.96
N ARG A 392 -10.32 -10.36 1.08
CA ARG A 392 -11.04 -9.15 0.73
C ARG A 392 -10.62 -8.71 -0.67
N PHE A 393 -11.61 -8.51 -1.54
CA PHE A 393 -11.34 -8.20 -2.93
C PHE A 393 -11.33 -6.69 -3.16
N ASN A 394 -10.28 -6.21 -3.82
CA ASN A 394 -10.12 -4.80 -4.12
C ASN A 394 -9.43 -4.69 -5.47
N ASN A 395 -9.79 -3.63 -6.22
CA ASN A 395 -9.23 -3.46 -7.56
C ASN A 395 -7.72 -3.25 -7.52
N THR A 396 -7.20 -2.72 -6.42
CA THR A 396 -5.78 -2.41 -6.31
C THR A 396 -5.09 -3.11 -5.15
N LEU A 397 -5.80 -3.38 -4.06
CA LEU A 397 -5.19 -3.91 -2.86
C LEU A 397 -5.38 -5.42 -2.77
N ARG A 398 -4.35 -6.11 -2.28
CA ARG A 398 -4.42 -7.51 -1.93
C ARG A 398 -4.31 -7.64 -0.41
N GLY A 399 -5.27 -8.32 0.20
CA GLY A 399 -5.27 -8.48 1.64
C GLY A 399 -6.39 -9.40 2.05
N LEU A 400 -6.34 -9.82 3.31
CA LEU A 400 -7.30 -10.77 3.84
C LEU A 400 -8.46 -10.04 4.51
N GLU A 401 -9.64 -10.65 4.42
CA GLU A 401 -10.79 -10.16 5.16
C GLU A 401 -10.80 -10.69 6.59
N SER A 402 -10.43 -11.95 6.77
CA SER A 402 -10.41 -12.58 8.08
C SER A 402 -9.29 -13.61 8.13
N LEU A 403 -8.58 -13.64 9.26
CA LEU A 403 -7.49 -14.58 9.50
C LEU A 403 -7.65 -15.15 10.89
N PRO A 404 -8.48 -16.19 11.06
CA PRO A 404 -8.66 -16.79 12.38
C PRO A 404 -7.43 -17.57 12.82
N VAL A 405 -6.75 -17.09 13.85
CA VAL A 405 -5.54 -17.73 14.33
C VAL A 405 -5.65 -18.02 15.82
N LYS A 406 -4.93 -19.05 16.25
CA LYS A 406 -4.67 -19.28 17.66
C LYS A 406 -3.26 -18.76 17.96
N LEU A 407 -3.13 -18.06 19.07
CA LEU A 407 -1.84 -17.53 19.52
C LEU A 407 -1.40 -18.28 20.76
N THR A 408 -0.26 -18.97 20.65
CA THR A 408 0.32 -19.65 21.80
C THR A 408 1.33 -18.74 22.47
N PRO A 409 1.18 -18.45 23.76
CA PRO A 409 2.15 -17.57 24.43
C PRO A 409 3.53 -18.23 24.50
N ALA A 410 4.56 -17.41 24.33
CA ALA A 410 5.93 -17.91 24.36
C ALA A 410 6.39 -18.15 25.79
#